data_5LVZ
#
_entry.id   5LVZ
#
_cell.length_a   64.120
_cell.length_b   122.780
_cell.length_c   39.170
_cell.angle_alpha   90.00
_cell.angle_beta   90.00
_cell.angle_gamma   90.00
#
_symmetry.space_group_name_H-M   'P 21 21 2'
#
loop_
_entity.id
_entity.type
_entity.pdbx_description
1 polymer KLTH0G14146p
2 water water
#
_entity_poly.entity_id   1
_entity_poly.type   'polypeptide(L)'
_entity_poly.pdbx_seq_one_letter_code
;MSQSREDSVYLAKLAEQAERYEEMVDSMKAVASSGQELSVEERNLLSVAYKNVIGARRASWRIVSSIEQKEEAKDKSEHQ
VKLIRDYRSKIETELTKICDDILSVLDTHLIPSATTGESKVFYYKMKGDYHRYLAEFSSGEVRDKATNASLEAYKTASEI
ATTELPPTHPIRLGLALNFSVFYYEIQNSPDKACHLAKQAFDDAIAELDTLSEESYKDSTLIMQLLRDNLTLWTSDMSEA
GQDEQQPAEGAQE
;
_entity_poly.pdbx_strand_id   A
#
# COMPACT_ATOMS: atom_id res chain seq x y z
N SER A 4 -27.73 5.23 5.12
CA SER A 4 -27.48 6.27 4.13
C SER A 4 -26.00 6.31 3.78
N ARG A 5 -25.70 6.83 2.60
CA ARG A 5 -24.34 6.76 2.05
C ARG A 5 -23.49 7.93 2.51
N GLU A 6 -24.04 9.12 2.37
CA GLU A 6 -23.34 10.34 2.76
C GLU A 6 -23.07 10.37 4.28
N ASP A 7 -23.87 9.60 5.03
CA ASP A 7 -23.71 9.47 6.47
C ASP A 7 -22.54 8.57 6.82
N SER A 8 -22.50 7.41 6.18
CA SER A 8 -21.32 6.52 6.23
C SER A 8 -20.04 7.27 5.96
N VAL A 9 -20.02 8.08 4.91
CA VAL A 9 -18.82 8.84 4.63
C VAL A 9 -18.53 9.77 5.79
N TYR A 10 -19.55 10.43 6.32
CA TYR A 10 -19.29 11.42 7.34
C TYR A 10 -18.71 10.73 8.59
N LEU A 11 -19.24 9.55 8.89
CA LEU A 11 -18.83 8.76 10.03
C LEU A 11 -17.41 8.22 9.85
N ALA A 12 -17.06 7.88 8.62
CA ALA A 12 -15.72 7.50 8.27
C ALA A 12 -14.77 8.65 8.61
N LYS A 13 -15.19 9.88 8.30
CA LYS A 13 -14.37 11.05 8.61
C LYS A 13 -14.24 11.27 10.11
N LEU A 14 -15.31 11.06 10.84
CA LEU A 14 -15.26 11.14 12.31
C LEU A 14 -14.32 10.12 12.90
N ALA A 15 -14.49 8.87 12.46
CA ALA A 15 -13.64 7.77 12.88
C ALA A 15 -12.18 8.07 12.62
N GLU A 16 -11.88 8.71 11.48
CA GLU A 16 -10.49 9.05 11.21
C GLU A 16 -9.95 10.00 12.28
N GLN A 17 -10.70 11.06 12.57
CA GLN A 17 -10.27 12.03 13.58
C GLN A 17 -10.11 11.34 14.92
N ALA A 18 -11.06 10.48 15.27
CA ALA A 18 -11.01 9.74 16.53
C ALA A 18 -9.91 8.67 16.53
N GLU A 19 -9.22 8.49 15.41
CA GLU A 19 -8.23 7.43 15.24
C GLU A 19 -8.83 6.06 15.55
N ARG A 20 -10.06 5.85 15.11
CA ARG A 20 -10.72 4.56 15.21
C ARG A 20 -10.86 3.94 13.83
N TYR A 21 -9.75 3.40 13.35
CA TYR A 21 -9.64 3.06 11.94
C TYR A 21 -10.41 1.82 11.52
N GLU A 22 -10.63 0.86 12.43
CA GLU A 22 -11.46 -0.29 12.09
C GLU A 22 -12.90 0.16 11.78
N GLU A 23 -13.38 1.17 12.49
CA GLU A 23 -14.72 1.68 12.22
C GLU A 23 -14.72 2.43 10.92
N MET A 24 -13.64 3.13 10.67
CA MET A 24 -13.45 3.88 9.43
C MET A 24 -13.50 2.90 8.26
N VAL A 25 -12.84 1.75 8.40
CA VAL A 25 -12.93 0.68 7.40
C VAL A 25 -14.35 0.17 7.21
N ASP A 26 -15.06 -0.05 8.30
CA ASP A 26 -16.42 -0.57 8.21
C ASP A 26 -17.29 0.39 7.40
N SER A 27 -17.13 1.69 7.63
CA SER A 27 -17.93 2.66 6.92
C SER A 27 -17.56 2.76 5.43
N MET A 28 -16.28 2.96 5.12
CA MET A 28 -15.86 3.01 3.72
C MET A 28 -16.08 1.69 2.95
N LYS A 29 -15.86 0.54 3.58
CA LYS A 29 -16.19 -0.73 2.93
C LYS A 29 -17.67 -0.73 2.50
N ALA A 30 -18.56 -0.28 3.37
CA ALA A 30 -19.99 -0.25 3.04
C ALA A 30 -20.25 0.64 1.85
N VAL A 31 -19.63 1.80 1.87
CA VAL A 31 -19.73 2.73 0.76
C VAL A 31 -19.17 2.10 -0.52
N ALA A 32 -18.01 1.47 -0.43
CA ALA A 32 -17.32 0.95 -1.60
C ALA A 32 -18.09 -0.22 -2.22
N SER A 33 -18.96 -0.83 -1.43
CA SER A 33 -19.63 -2.06 -1.81
C SER A 33 -21.00 -1.81 -2.46
N SER A 34 -21.21 -0.58 -2.89
CA SER A 34 -22.33 -0.23 -3.77
C SER A 34 -21.84 -0.30 -5.22
N GLY A 35 -22.72 -0.20 -6.18
CA GLY A 35 -22.24 -0.17 -7.55
C GLY A 35 -21.38 1.05 -7.85
N GLN A 36 -21.55 2.08 -7.03
CA GLN A 36 -21.15 3.41 -7.44
C GLN A 36 -19.67 3.65 -7.30
N GLU A 37 -19.13 4.32 -8.30
CA GLU A 37 -17.76 4.70 -8.24
C GLU A 37 -17.56 5.71 -7.12
N LEU A 38 -16.45 5.57 -6.42
CA LEU A 38 -16.13 6.47 -5.36
C LEU A 38 -15.58 7.77 -5.90
N SER A 39 -15.90 8.85 -5.20
CA SER A 39 -15.23 10.14 -5.43
C SER A 39 -13.77 10.11 -5.01
N VAL A 40 -13.02 11.12 -5.44
CA VAL A 40 -11.63 11.26 -5.04
C VAL A 40 -11.46 11.23 -3.50
N GLU A 41 -12.35 11.94 -2.81
CA GLU A 41 -12.31 12.01 -1.35
C GLU A 41 -12.60 10.64 -0.72
N GLU A 42 -13.60 9.94 -1.26
CA GLU A 42 -13.98 8.63 -0.76
C GLU A 42 -12.88 7.60 -1.01
N ARG A 43 -12.22 7.67 -2.16
CA ARG A 43 -11.10 6.77 -2.45
C ARG A 43 -10.02 6.92 -1.44
N ASN A 44 -9.72 8.18 -1.13
CA ASN A 44 -8.66 8.46 -0.20
C ASN A 44 -9.04 8.02 1.20
N LEU A 45 -10.32 8.20 1.56
CA LEU A 45 -10.80 7.76 2.87
C LEU A 45 -10.68 6.24 2.99
N LEU A 46 -11.08 5.53 1.94
CA LEU A 46 -10.98 4.07 1.91
C LEU A 46 -9.53 3.66 2.12
N SER A 47 -8.64 4.26 1.34
CA SER A 47 -7.24 3.90 1.34
C SER A 47 -6.62 4.20 2.71
N VAL A 48 -6.86 5.40 3.25
CA VAL A 48 -6.37 5.71 4.61
C VAL A 48 -6.87 4.73 5.66
N ALA A 49 -8.15 4.38 5.61
CA ALA A 49 -8.70 3.46 6.60
C ALA A 49 -7.91 2.15 6.61
N TYR A 50 -7.80 1.52 5.46
CA TYR A 50 -7.12 0.25 5.43
C TYR A 50 -5.62 0.36 5.71
N LYS A 51 -5.03 1.47 5.28
CA LYS A 51 -3.58 1.67 5.45
C LYS A 51 -3.27 1.66 6.95
N ASN A 52 -4.14 2.30 7.70
CA ASN A 52 -3.95 2.43 9.15
C ASN A 52 -4.26 1.13 9.87
N VAL A 53 -5.29 0.41 9.45
CA VAL A 53 -5.61 -0.86 10.08
C VAL A 53 -4.49 -1.87 9.81
N ILE A 54 -4.04 -2.00 8.56
CA ILE A 54 -2.98 -2.96 8.29
C ILE A 54 -1.66 -2.50 8.90
N GLY A 55 -1.44 -1.19 8.94
CA GLY A 55 -0.19 -0.63 9.41
C GLY A 55 0.11 -1.02 10.84
N ALA A 56 -0.92 -0.98 11.67
CA ALA A 56 -0.80 -1.35 13.07
C ALA A 56 -0.42 -2.81 13.19
N ARG A 57 -1.03 -3.65 12.38
CA ARG A 57 -0.70 -5.07 12.47
C ARG A 57 0.69 -5.33 11.94
N ARG A 58 1.06 -4.66 10.86
CA ARG A 58 2.42 -4.81 10.33
C ARG A 58 3.46 -4.38 11.37
N ALA A 59 3.17 -3.28 12.05
CA ALA A 59 4.03 -2.78 13.13
C ALA A 59 4.15 -3.84 14.24
N SER A 60 3.01 -4.40 14.63
CA SER A 60 3.00 -5.44 15.65
C SER A 60 3.80 -6.64 15.17
N TRP A 61 3.58 -7.03 13.92
CA TRP A 61 4.24 -8.23 13.39
C TRP A 61 5.75 -8.06 13.41
N ARG A 62 6.23 -6.89 13.04
CA ARG A 62 7.68 -6.64 13.01
C ARG A 62 8.28 -6.72 14.41
N ILE A 63 7.54 -6.24 15.40
CA ILE A 63 8.02 -6.28 16.78
C ILE A 63 8.10 -7.72 17.29
N VAL A 64 7.02 -8.45 17.16
CA VAL A 64 6.96 -9.82 17.63
C VAL A 64 7.98 -10.68 16.88
N SER A 65 8.24 -10.36 15.62
CA SER A 65 9.22 -11.11 14.82
C SER A 65 10.62 -10.90 15.35
N SER A 66 10.93 -9.65 15.66
CA SER A 66 12.20 -9.27 16.23
C SER A 66 12.42 -10.00 17.56
N ILE A 67 11.37 -10.04 18.38
CA ILE A 67 11.45 -10.69 19.67
C ILE A 67 11.64 -12.17 19.49
N GLU A 68 10.98 -12.71 18.48
CA GLU A 68 11.01 -14.13 18.23
C GLU A 68 12.42 -14.61 17.91
N GLN A 69 13.15 -13.83 17.14
CA GLN A 69 14.46 -14.28 16.71
C GLN A 69 15.50 -13.91 17.77
N LYS A 70 15.17 -12.96 18.63
CA LYS A 70 16.06 -12.65 19.74
C LYS A 70 15.96 -13.73 20.80
N GLU A 71 14.77 -14.30 20.98
CA GLU A 71 14.61 -15.40 21.92
C GLU A 71 15.14 -16.70 21.32
N GLU A 72 15.18 -16.78 20.01
CA GLU A 72 15.71 -17.96 19.33
C GLU A 72 17.21 -18.07 19.61
N ALA A 73 17.85 -16.91 19.76
CA ALA A 73 19.29 -16.81 19.81
C ALA A 73 19.83 -16.89 21.25
N LYS A 74 18.92 -17.12 22.19
CA LYS A 74 19.27 -17.60 23.52
C LYS A 74 18.66 -18.99 23.66
N ASP A 75 19.39 -19.98 23.17
CA ASP A 75 18.81 -21.20 22.60
C ASP A 75 17.79 -21.95 23.48
N LYS A 76 17.92 -21.90 24.81
CA LYS A 76 17.26 -22.91 25.67
C LYS A 76 15.72 -22.81 25.60
N SER A 77 15.14 -21.68 26.01
CA SER A 77 13.87 -21.19 25.46
C SER A 77 12.78 -22.25 25.13
N GLU A 78 12.41 -22.33 23.85
CA GLU A 78 11.70 -23.46 23.23
C GLU A 78 10.20 -23.43 23.51
N HIS A 79 9.81 -23.48 24.77
CA HIS A 79 8.40 -23.32 25.12
C HIS A 79 8.03 -21.87 24.93
N GLN A 80 9.02 -21.02 25.16
CA GLN A 80 8.90 -19.60 25.01
C GLN A 80 8.77 -19.22 23.55
N VAL A 81 9.67 -19.76 22.73
CA VAL A 81 9.66 -19.47 21.31
C VAL A 81 8.35 -19.93 20.69
N LYS A 82 7.79 -21.01 21.22
CA LYS A 82 6.49 -21.50 20.78
C LYS A 82 5.38 -20.49 21.02
N LEU A 83 5.44 -19.80 22.16
CA LEU A 83 4.42 -18.82 22.52
C LEU A 83 4.50 -17.62 21.59
N ILE A 84 5.73 -17.18 21.32
CA ILE A 84 5.96 -16.08 20.41
C ILE A 84 5.47 -16.47 18.99
N ARG A 85 5.87 -17.65 18.51
CA ARG A 85 5.46 -18.17 17.19
C ARG A 85 3.98 -18.14 17.01
N ASP A 86 3.25 -18.65 18.00
CA ASP A 86 1.83 -18.73 17.86
C ASP A 86 1.19 -17.32 17.91
N TYR A 87 1.80 -16.43 18.67
CA TYR A 87 1.33 -15.06 18.71
C TYR A 87 1.55 -14.38 17.36
N ARG A 88 2.77 -14.50 16.83
CA ARG A 88 3.05 -13.97 15.50
C ARG A 88 2.05 -14.53 14.49
N SER A 89 1.71 -15.81 14.63
CA SER A 89 0.77 -16.47 13.74
C SER A 89 -0.64 -15.92 13.87
N LYS A 90 -1.01 -15.53 15.08
CA LYS A 90 -2.26 -14.87 15.30
C LYS A 90 -2.29 -13.53 14.54
N ILE A 91 -1.24 -12.75 14.68
CA ILE A 91 -1.15 -11.49 13.95
C ILE A 91 -1.15 -11.74 12.44
N GLU A 92 -0.49 -12.80 11.98
CA GLU A 92 -0.42 -13.10 10.55
C GLU A 92 -1.77 -13.46 9.99
N THR A 93 -2.56 -14.17 10.78
CA THR A 93 -3.95 -14.44 10.43
C THR A 93 -4.74 -13.15 10.24
N GLU A 94 -4.55 -12.22 11.14
CA GLU A 94 -5.25 -10.93 11.05
C GLU A 94 -4.85 -10.17 9.80
N LEU A 95 -3.54 -10.15 9.54
CA LEU A 95 -3.03 -9.48 8.35
C LEU A 95 -3.65 -10.07 7.11
N THR A 96 -3.70 -11.39 7.05
CA THR A 96 -4.28 -12.08 5.89
C THR A 96 -5.71 -11.73 5.73
N LYS A 97 -6.45 -11.72 6.83
CA LYS A 97 -7.86 -11.42 6.79
C LYS A 97 -8.06 -10.00 6.27
N ILE A 98 -7.29 -9.05 6.80
CA ILE A 98 -7.45 -7.62 6.40
C ILE A 98 -7.13 -7.45 4.91
N CYS A 99 -6.02 -8.03 4.48
CA CYS A 99 -5.63 -8.04 3.06
C CYS A 99 -6.71 -8.70 2.17
N ASP A 100 -7.18 -9.88 2.53
CA ASP A 100 -8.20 -10.57 1.73
C ASP A 100 -9.48 -9.73 1.65
N ASP A 101 -9.77 -8.94 2.70
CA ASP A 101 -10.96 -8.10 2.76
C ASP A 101 -10.88 -6.97 1.73
N ILE A 102 -9.82 -6.18 1.76
CA ILE A 102 -9.75 -5.05 0.83
C ILE A 102 -9.54 -5.65 -0.59
N LEU A 103 -8.78 -6.74 -0.70
CA LEU A 103 -8.56 -7.32 -2.03
C LEU A 103 -9.86 -7.82 -2.64
N SER A 104 -10.79 -8.35 -1.83
CA SER A 104 -12.03 -8.81 -2.41
C SER A 104 -12.89 -7.60 -2.76
N VAL A 105 -12.77 -6.51 -2.01
CA VAL A 105 -13.50 -5.33 -2.34
C VAL A 105 -12.99 -4.75 -3.66
N LEU A 106 -11.68 -4.77 -3.85
CA LEU A 106 -11.09 -4.23 -5.06
C LEU A 106 -11.49 -5.10 -6.27
N ASP A 107 -11.47 -6.42 -6.08
CA ASP A 107 -11.70 -7.31 -7.20
C ASP A 107 -13.18 -7.33 -7.62
N THR A 108 -14.07 -7.20 -6.65
CA THR A 108 -15.50 -7.35 -6.86
C THR A 108 -16.18 -6.01 -7.16
N HIS A 109 -15.84 -4.98 -6.39
CA HIS A 109 -16.53 -3.71 -6.48
C HIS A 109 -15.75 -2.60 -7.16
N LEU A 110 -14.49 -2.39 -6.79
CA LEU A 110 -13.82 -1.15 -7.18
C LEU A 110 -13.24 -1.24 -8.57
N ILE A 111 -12.43 -2.26 -8.84
CA ILE A 111 -11.73 -2.31 -10.11
C ILE A 111 -12.73 -2.47 -11.26
N PRO A 112 -13.72 -3.38 -11.11
CA PRO A 112 -14.71 -3.48 -12.19
C PRO A 112 -15.55 -2.23 -12.43
N SER A 113 -15.80 -1.42 -11.42
CA SER A 113 -16.70 -0.28 -11.63
C SER A 113 -15.93 1.02 -12.00
N ALA A 114 -14.62 0.91 -12.15
CA ALA A 114 -13.78 2.09 -12.35
C ALA A 114 -13.82 2.60 -13.78
N THR A 115 -14.20 3.85 -13.96
CA THR A 115 -14.36 4.41 -15.31
C THR A 115 -13.20 5.33 -15.71
N THR A 116 -12.64 6.06 -14.75
CA THR A 116 -11.55 6.98 -15.04
C THR A 116 -10.18 6.33 -14.97
N GLY A 117 -9.20 6.94 -15.64
CA GLY A 117 -7.84 6.47 -15.54
C GLY A 117 -7.31 6.65 -14.12
N GLU A 118 -7.61 7.80 -13.51
CA GLU A 118 -7.24 8.03 -12.12
C GLU A 118 -7.67 6.84 -11.25
N SER A 119 -8.93 6.45 -11.35
CA SER A 119 -9.44 5.48 -10.40
C SER A 119 -8.88 4.09 -10.72
N LYS A 120 -8.68 3.76 -11.99
CA LYS A 120 -8.10 2.48 -12.34
C LYS A 120 -6.69 2.34 -11.77
N VAL A 121 -5.87 3.38 -11.92
CA VAL A 121 -4.49 3.31 -11.42
C VAL A 121 -4.52 3.20 -9.90
N PHE A 122 -5.40 3.98 -9.29
CA PHE A 122 -5.51 3.99 -7.83
C PHE A 122 -5.77 2.61 -7.27
N TYR A 123 -6.74 1.91 -7.88
CA TYR A 123 -7.20 0.61 -7.39
C TYR A 123 -6.22 -0.51 -7.69
N TYR A 124 -5.61 -0.49 -8.88
CA TYR A 124 -4.58 -1.49 -9.15
C TYR A 124 -3.36 -1.27 -8.30
N LYS A 125 -3.02 -0.01 -8.02
CA LYS A 125 -1.95 0.30 -7.06
C LYS A 125 -2.28 -0.29 -5.70
N MET A 126 -3.53 -0.15 -5.26
CA MET A 126 -3.93 -0.67 -3.96
C MET A 126 -3.87 -2.18 -3.98
N LYS A 127 -4.28 -2.77 -5.09
CA LYS A 127 -4.15 -4.20 -5.23
C LYS A 127 -2.70 -4.62 -5.13
N GLY A 128 -1.79 -3.90 -5.80
CA GLY A 128 -0.38 -4.21 -5.63
C GLY A 128 0.07 -4.11 -4.19
N ASP A 129 -0.39 -3.07 -3.49
CA ASP A 129 -0.01 -2.85 -2.10
C ASP A 129 -0.42 -4.02 -1.22
N TYR A 130 -1.68 -4.46 -1.28
CA TYR A 130 -2.13 -5.48 -0.33
C TYR A 130 -1.59 -6.87 -0.67
N HIS A 131 -1.32 -7.18 -1.93
CA HIS A 131 -0.58 -8.39 -2.24
C HIS A 131 0.84 -8.27 -1.75
N ARG A 132 1.43 -7.07 -1.80
CA ARG A 132 2.79 -6.87 -1.26
C ARG A 132 2.83 -7.10 0.26
N TYR A 133 1.85 -6.57 0.98
CA TYR A 133 1.77 -6.84 2.44
C TYR A 133 1.68 -8.32 2.71
N LEU A 134 0.84 -9.01 1.96
CA LEU A 134 0.80 -10.46 2.03
C LEU A 134 2.14 -11.11 1.80
N ALA A 135 2.88 -10.64 0.79
CA ALA A 135 4.21 -11.20 0.52
C ALA A 135 5.19 -10.96 1.68
N GLU A 136 4.97 -9.92 2.47
CA GLU A 136 5.95 -9.54 3.47
C GLU A 136 6.18 -10.58 4.57
N PHE A 137 5.19 -11.40 4.86
CA PHE A 137 5.30 -12.31 6.00
C PHE A 137 5.07 -13.74 5.58
N SER A 138 4.74 -13.95 4.33
CA SER A 138 4.46 -15.28 3.81
C SER A 138 5.72 -16.00 3.45
N SER A 139 5.55 -17.30 3.21
CA SER A 139 6.64 -18.17 2.83
C SER A 139 6.22 -19.03 1.65
N GLY A 140 7.20 -19.41 0.83
CA GLY A 140 7.00 -20.41 -0.20
C GLY A 140 6.00 -20.03 -1.25
N GLU A 141 5.16 -21.00 -1.63
CA GLU A 141 4.18 -20.88 -2.70
C GLU A 141 3.24 -19.70 -2.47
N VAL A 142 2.94 -19.47 -1.19
CA VAL A 142 2.03 -18.42 -0.79
C VAL A 142 2.65 -17.04 -1.05
N ARG A 143 3.90 -16.87 -0.63
CA ARG A 143 4.69 -15.69 -0.92
C ARG A 143 4.91 -15.49 -2.41
N ASP A 144 5.26 -16.55 -3.13
CA ASP A 144 5.52 -16.40 -4.56
C ASP A 144 4.24 -15.99 -5.29
N LYS A 145 3.09 -16.52 -4.87
CA LYS A 145 1.83 -16.14 -5.49
C LYS A 145 1.49 -14.67 -5.21
N ALA A 146 1.73 -14.23 -3.97
CA ALA A 146 1.44 -12.84 -3.58
C ALA A 146 2.39 -11.89 -4.30
N THR A 147 3.65 -12.29 -4.41
CA THR A 147 4.61 -11.49 -5.14
C THR A 147 4.26 -11.30 -6.62
N ASN A 148 3.85 -12.37 -7.28
CA ASN A 148 3.53 -12.26 -8.70
C ASN A 148 2.23 -11.46 -8.86
N ALA A 149 1.28 -11.65 -7.96
CA ALA A 149 0.05 -10.88 -8.00
C ALA A 149 0.31 -9.40 -7.77
N SER A 150 1.21 -9.10 -6.84
CA SER A 150 1.59 -7.71 -6.54
C SER A 150 2.21 -7.09 -7.78
N LEU A 151 3.16 -7.80 -8.35
CA LEU A 151 3.85 -7.30 -9.53
C LEU A 151 2.91 -7.05 -10.70
N GLU A 152 1.99 -7.99 -10.94
CA GLU A 152 1.07 -7.84 -12.06
C GLU A 152 0.13 -6.65 -11.87
N ALA A 153 -0.29 -6.42 -10.63
CA ALA A 153 -1.21 -5.32 -10.40
C ALA A 153 -0.48 -3.99 -10.54
N TYR A 154 0.74 -3.91 -10.02
CA TYR A 154 1.52 -2.69 -10.15
C TYR A 154 1.86 -2.38 -11.63
N LYS A 155 2.16 -3.44 -12.40
CA LYS A 155 2.43 -3.29 -13.82
C LYS A 155 1.23 -2.82 -14.55
N THR A 156 0.08 -3.37 -14.22
CA THR A 156 -1.15 -2.90 -14.84
C THR A 156 -1.39 -1.45 -14.49
N ALA A 157 -1.25 -1.10 -13.20
CA ALA A 157 -1.43 0.31 -12.80
C ALA A 157 -0.49 1.23 -13.59
N SER A 158 0.76 0.78 -13.75
CA SER A 158 1.78 1.59 -14.42
C SER A 158 1.51 1.79 -15.89
N GLU A 159 1.06 0.74 -16.55
CA GLU A 159 0.68 0.88 -17.96
C GLU A 159 -0.47 1.89 -18.16
N ILE A 160 -1.48 1.87 -17.31
CA ILE A 160 -2.54 2.84 -17.41
C ILE A 160 -2.03 4.25 -17.03
N ALA A 161 -1.21 4.35 -15.98
CA ALA A 161 -0.78 5.65 -15.48
C ALA A 161 0.04 6.32 -16.57
N THR A 162 0.88 5.51 -17.20
CA THR A 162 1.83 5.99 -18.19
C THR A 162 1.09 6.66 -19.35
N THR A 163 -0.06 6.11 -19.71
CA THR A 163 -0.82 6.62 -20.84
C THR A 163 -1.89 7.61 -20.45
N GLU A 164 -2.44 7.48 -19.23
CA GLU A 164 -3.60 8.28 -18.88
C GLU A 164 -3.31 9.47 -17.94
N LEU A 165 -2.21 9.43 -17.18
CA LEU A 165 -1.97 10.46 -16.16
C LEU A 165 -0.68 11.24 -16.47
N PRO A 166 -0.66 12.56 -16.19
CA PRO A 166 0.61 13.27 -16.35
C PRO A 166 1.62 12.79 -15.32
N PRO A 167 2.90 12.99 -15.60
CA PRO A 167 3.97 12.46 -14.73
C PRO A 167 3.97 13.05 -13.31
N THR A 168 3.35 14.22 -13.16
CA THR A 168 3.22 14.86 -11.86
C THR A 168 2.04 14.37 -11.05
N HIS A 169 1.18 13.55 -11.64
CA HIS A 169 -0.06 13.19 -10.95
C HIS A 169 0.26 12.44 -9.69
N PRO A 170 -0.32 12.85 -8.55
CA PRO A 170 0.02 12.24 -7.27
C PRO A 170 -0.26 10.74 -7.24
N ILE A 171 -1.25 10.29 -8.00
CA ILE A 171 -1.58 8.89 -8.05
C ILE A 171 -0.49 8.11 -8.78
N ARG A 172 0.01 8.70 -9.85
CA ARG A 172 1.09 8.13 -10.62
C ARG A 172 2.43 8.14 -9.88
N LEU A 173 2.73 9.25 -9.21
CA LEU A 173 3.88 9.29 -8.30
C LEU A 173 3.77 8.31 -7.15
N GLY A 174 2.61 8.22 -6.52
CA GLY A 174 2.44 7.34 -5.38
C GLY A 174 2.58 5.87 -5.82
N LEU A 175 2.13 5.58 -7.04
CA LEU A 175 2.37 4.27 -7.66
C LEU A 175 3.86 3.96 -7.81
N ALA A 176 4.62 4.92 -8.33
CA ALA A 176 6.05 4.74 -8.50
C ALA A 176 6.72 4.56 -7.16
N LEU A 177 6.29 5.31 -6.16
CA LEU A 177 6.83 5.15 -4.83
C LEU A 177 6.66 3.73 -4.33
N ASN A 178 5.41 3.24 -4.36
CA ASN A 178 5.13 1.94 -3.76
C ASN A 178 5.68 0.80 -4.61
N PHE A 179 5.65 0.98 -5.91
CA PHE A 179 6.15 -0.06 -6.84
C PHE A 179 7.64 -0.18 -6.68
N SER A 180 8.33 0.95 -6.55
CA SER A 180 9.79 0.89 -6.36
C SER A 180 10.12 0.26 -5.02
N VAL A 181 9.30 0.51 -4.02
CA VAL A 181 9.49 -0.14 -2.72
C VAL A 181 9.31 -1.64 -2.82
N PHE A 182 8.31 -2.06 -3.60
CA PHE A 182 8.10 -3.48 -3.90
C PHE A 182 9.36 -4.11 -4.46
N TYR A 183 9.91 -3.46 -5.49
CA TYR A 183 11.14 -3.94 -6.13
C TYR A 183 12.30 -4.07 -5.16
N TYR A 184 12.48 -3.05 -4.32
CA TYR A 184 13.61 -3.04 -3.41
C TYR A 184 13.40 -4.03 -2.24
N GLU A 185 12.24 -3.98 -1.62
CA GLU A 185 11.97 -4.76 -0.40
C GLU A 185 11.45 -6.18 -0.66
N ILE A 186 10.60 -6.38 -1.65
CA ILE A 186 10.02 -7.70 -1.86
C ILE A 186 10.84 -8.47 -2.87
N GLN A 187 11.09 -7.87 -4.03
CA GLN A 187 11.82 -8.56 -5.08
C GLN A 187 13.35 -8.51 -4.88
N ASN A 188 13.82 -7.72 -3.93
CA ASN A 188 15.25 -7.47 -3.74
C ASN A 188 15.97 -7.11 -5.04
N SER A 189 15.43 -6.13 -5.74
CA SER A 189 15.93 -5.70 -7.04
C SER A 189 16.31 -4.23 -7.02
N PRO A 190 17.50 -3.89 -6.53
CA PRO A 190 17.85 -2.47 -6.36
C PRO A 190 17.87 -1.67 -7.67
N ASP A 191 18.39 -2.24 -8.75
CA ASP A 191 18.48 -1.49 -9.98
C ASP A 191 17.07 -1.09 -10.43
N LYS A 192 16.15 -2.05 -10.41
CA LYS A 192 14.78 -1.80 -10.81
C LYS A 192 14.16 -0.72 -9.95
N ALA A 193 14.39 -0.82 -8.65
CA ALA A 193 13.80 0.09 -7.69
C ALA A 193 14.32 1.52 -7.87
N CYS A 194 15.63 1.66 -8.00
CA CYS A 194 16.25 2.98 -8.16
C CYS A 194 15.91 3.56 -9.53
N HIS A 195 15.90 2.73 -10.58
CA HIS A 195 15.56 3.22 -11.89
C HIS A 195 14.13 3.79 -11.90
N LEU A 196 13.20 3.07 -11.26
CA LEU A 196 11.80 3.46 -11.30
C LEU A 196 11.63 4.73 -10.48
N ALA A 197 12.20 4.77 -9.29
CA ALA A 197 12.03 5.94 -8.44
C ALA A 197 12.61 7.18 -9.11
N LYS A 198 13.75 7.00 -9.77
CA LYS A 198 14.46 8.13 -10.35
C LYS A 198 13.76 8.65 -11.59
N GLN A 199 13.27 7.75 -12.41
CA GLN A 199 12.57 8.10 -13.62
C GLN A 199 11.27 8.83 -13.26
N ALA A 200 10.58 8.38 -12.20
CA ALA A 200 9.30 8.98 -11.83
C ALA A 200 9.55 10.40 -11.32
N PHE A 201 10.54 10.53 -10.45
CA PHE A 201 10.95 11.84 -9.96
C PHE A 201 11.32 12.79 -11.10
N ASP A 202 12.21 12.33 -11.96
CA ASP A 202 12.72 13.15 -13.03
C ASP A 202 11.61 13.57 -13.99
N ASP A 203 10.77 12.62 -14.40
CA ASP A 203 9.64 12.93 -15.29
C ASP A 203 8.73 14.01 -14.68
N ALA A 204 8.57 14.00 -13.37
CA ALA A 204 7.67 14.92 -12.73
C ALA A 204 8.36 16.31 -12.68
N ILE A 205 9.68 16.30 -12.43
CA ILE A 205 10.45 17.53 -12.26
C ILE A 205 10.22 18.41 -13.47
N ALA A 206 10.11 17.78 -14.63
CA ALA A 206 9.98 18.49 -15.89
C ALA A 206 8.72 19.37 -15.96
N GLU A 207 7.63 18.92 -15.34
CA GLU A 207 6.34 19.57 -15.50
C GLU A 207 5.84 20.23 -14.25
N LEU A 208 6.65 20.23 -13.19
CA LEU A 208 6.25 20.89 -11.95
C LEU A 208 5.90 22.37 -12.14
N ASP A 209 6.60 23.06 -13.03
CA ASP A 209 6.35 24.50 -13.24
C ASP A 209 5.02 24.78 -13.96
N THR A 210 4.30 23.72 -14.36
CA THR A 210 2.99 23.89 -14.98
C THR A 210 1.83 23.77 -14.00
N LEU A 211 2.14 23.47 -12.75
CA LEU A 211 1.11 23.14 -11.76
C LEU A 211 0.62 24.30 -10.89
N SER A 212 -0.68 24.28 -10.61
CA SER A 212 -1.28 25.17 -9.64
C SER A 212 -0.70 24.89 -8.27
N GLU A 213 -0.82 25.84 -7.36
CA GLU A 213 -0.30 25.71 -6.01
C GLU A 213 -0.70 24.40 -5.31
N GLU A 214 -1.98 24.02 -5.38
CA GLU A 214 -2.42 22.81 -4.70
C GLU A 214 -1.82 21.56 -5.36
N SER A 215 -1.84 21.53 -6.68
CA SER A 215 -1.33 20.39 -7.42
C SER A 215 0.17 20.24 -7.13
N TYR A 216 0.84 21.37 -7.10
CA TYR A 216 2.27 21.42 -6.86
C TYR A 216 2.60 20.81 -5.50
N LYS A 217 1.88 21.28 -4.49
CA LYS A 217 2.05 20.75 -3.15
C LYS A 217 1.83 19.22 -3.10
N ASP A 218 0.73 18.73 -3.67
CA ASP A 218 0.47 17.29 -3.72
C ASP A 218 1.59 16.50 -4.40
N SER A 219 2.06 16.96 -5.56
CA SER A 219 3.11 16.28 -6.29
C SER A 219 4.42 16.31 -5.55
N THR A 220 4.84 17.47 -5.06
CA THR A 220 6.20 17.55 -4.52
C THR A 220 6.29 16.81 -3.16
N LEU A 221 5.18 16.67 -2.44
CA LEU A 221 5.20 15.85 -1.21
C LEU A 221 5.60 14.41 -1.52
N ILE A 222 5.07 13.85 -2.59
CA ILE A 222 5.36 12.48 -2.92
C ILE A 222 6.74 12.38 -3.53
N MET A 223 7.10 13.35 -4.36
CA MET A 223 8.41 13.37 -4.94
C MET A 223 9.50 13.44 -3.88
N GLN A 224 9.20 14.04 -2.74
CA GLN A 224 10.19 14.04 -1.66
C GLN A 224 10.36 12.62 -1.08
N LEU A 225 9.26 11.87 -1.01
CA LEU A 225 9.33 10.53 -0.46
C LEU A 225 10.15 9.67 -1.41
N LEU A 226 9.97 9.90 -2.71
CA LEU A 226 10.75 9.19 -3.72
C LEU A 226 12.24 9.48 -3.52
N ARG A 227 12.61 10.76 -3.41
CA ARG A 227 14.02 11.11 -3.21
C ARG A 227 14.55 10.56 -1.89
N ASP A 228 13.74 10.59 -0.84
CA ASP A 228 14.15 10.02 0.45
C ASP A 228 14.50 8.54 0.30
N ASN A 229 13.67 7.78 -0.41
CA ASN A 229 13.97 6.36 -0.61
C ASN A 229 15.21 6.21 -1.49
N LEU A 230 15.32 7.03 -2.50
CA LEU A 230 16.49 6.91 -3.37
C LEU A 230 17.77 7.20 -2.59
N THR A 231 17.68 8.19 -1.70
CA THR A 231 18.80 8.55 -0.85
C THR A 231 19.17 7.34 0.03
N LEU A 232 18.19 6.82 0.74
CA LEU A 232 18.35 5.63 1.57
C LEU A 232 18.97 4.44 0.82
N TRP A 233 18.41 4.10 -0.34
CA TRP A 233 18.85 2.89 -1.03
C TRP A 233 20.26 2.99 -1.59
N THR A 234 20.65 4.17 -2.08
CA THR A 234 21.97 4.33 -2.69
C THR A 234 23.09 4.28 -1.65
N SER A 235 22.74 4.63 -0.41
CA SER A 235 23.65 4.53 0.72
C SER A 235 23.75 3.11 1.32
N ASP A 236 22.68 2.32 1.22
CA ASP A 236 22.71 0.91 1.63
C ASP A 236 23.69 0.15 0.73
N MET A 237 23.50 0.32 -0.57
CA MET A 237 24.29 -0.38 -1.58
C MET A 237 25.80 -0.08 -1.48
N SER A 238 26.16 0.90 -0.64
CA SER A 238 27.56 1.23 -0.38
C SER A 238 28.12 0.54 0.88
#